data_4FX0
#
_entry.id   4FX0
#
_cell.length_a   51.998
_cell.length_b   66.677
_cell.length_c   79.089
_cell.angle_alpha   90.00
_cell.angle_beta   90.00
_cell.angle_gamma   90.00
#
_symmetry.space_group_name_H-M   'P 21 21 21'
#
_entity_poly.entity_id   1
_entity_poly.type   'polypeptide(L)'
_entity_poly.pdbx_seq_one_letter_code
;MAFDECACYTTRRAARQLGQAYDRALRPSGLTNTQFSTLAVISLSEGSAGIDLTMSELAARIGVERTTLTRNLEVMRRDG
LVRVMAGADARCKRIELTAKGRAALQKAVPLWRGVQAEVTASVGDWPRVRRDIANLGQAAEACRLVPR
;
_entity_poly.pdbx_strand_id   A,B
#
# COMPACT_ATOMS: atom_id res chain seq x y z
N ALA A 2 12.61 16.73 -0.57
CA ALA A 2 12.10 16.00 0.59
C ALA A 2 10.98 15.06 0.21
N PHE A 3 11.31 13.78 0.02
CA PHE A 3 10.36 12.78 -0.44
C PHE A 3 9.80 11.95 0.70
N ASP A 4 10.31 12.19 1.91
CA ASP A 4 9.81 11.52 3.10
C ASP A 4 8.34 11.83 3.31
N GLU A 5 7.98 13.09 3.06
CA GLU A 5 6.63 13.56 3.29
C GLU A 5 5.68 13.08 2.21
N CYS A 6 6.20 12.28 1.28
CA CYS A 6 5.38 11.74 0.20
C CYS A 6 4.18 11.01 0.76
N ALA A 7 2.99 11.47 0.37
CA ALA A 7 1.75 10.88 0.85
C ALA A 7 1.57 9.46 0.36
N CYS A 8 2.11 9.18 -0.83
CA CYS A 8 1.99 7.86 -1.42
C CYS A 8 2.87 6.86 -0.65
N TYR A 9 4.11 7.27 -0.37
CA TYR A 9 5.03 6.45 0.39
C TYR A 9 4.50 6.14 1.80
N THR A 10 4.23 7.19 2.56
CA THR A 10 3.77 7.05 3.93
C THR A 10 2.61 6.07 4.04
N THR A 11 1.63 6.24 3.16
CA THR A 11 0.43 5.42 3.18
C THR A 11 0.74 3.97 2.81
N ARG A 12 1.44 3.79 1.71
CA ARG A 12 1.83 2.46 1.24
C ARG A 12 2.55 1.68 2.33
N ARG A 13 3.51 2.31 2.97
CA ARG A 13 4.27 1.68 4.06
C ARG A 13 3.35 1.33 5.23
N ALA A 14 2.59 2.31 5.70
CA ALA A 14 1.65 2.09 6.79
C ALA A 14 0.68 0.95 6.46
N ALA A 15 0.18 0.97 5.22
CA ALA A 15 -0.76 -0.05 4.77
C ALA A 15 -0.16 -1.44 4.87
N ARG A 16 1.08 -1.55 4.42
CA ARG A 16 1.80 -2.83 4.46
C ARG A 16 1.94 -3.31 5.90
N GLN A 17 2.47 -2.46 6.77
CA GLN A 17 2.64 -2.81 8.17
C GLN A 17 1.33 -3.28 8.79
N LEU A 18 0.25 -2.58 8.45
CA LEU A 18 -1.08 -2.95 8.93
C LEU A 18 -1.51 -4.31 8.42
N GLY A 19 -1.48 -4.48 7.10
CA GLY A 19 -1.85 -5.75 6.49
C GLY A 19 -1.13 -6.90 7.16
N GLN A 20 0.13 -6.68 7.51
CA GLN A 20 0.91 -7.68 8.23
C GLN A 20 0.36 -7.93 9.63
N ALA A 21 0.15 -6.86 10.38
CA ALA A 21 -0.39 -6.97 11.73
C ALA A 21 -1.71 -7.72 11.71
N TYR A 22 -2.58 -7.38 10.77
CA TYR A 22 -3.88 -8.02 10.65
C TYR A 22 -3.75 -9.49 10.26
N ASP A 23 -2.83 -9.78 9.35
CA ASP A 23 -2.52 -11.17 9.02
C ASP A 23 -2.19 -11.93 10.28
N ARG A 24 -1.34 -11.34 11.12
CA ARG A 24 -0.91 -11.98 12.35
C ARG A 24 -2.09 -12.25 13.30
N ALA A 25 -2.99 -11.28 13.41
CA ALA A 25 -4.13 -11.44 14.31
C ALA A 25 -5.16 -12.42 13.76
N LEU A 26 -5.22 -12.52 12.44
CA LEU A 26 -6.22 -13.36 11.78
C LEU A 26 -5.86 -14.84 11.75
N ARG A 27 -4.60 -15.15 12.05
CA ARG A 27 -4.09 -16.52 11.93
C ARG A 27 -5.04 -17.62 12.40
N PRO A 28 -5.55 -17.54 13.64
CA PRO A 28 -6.42 -18.59 14.17
C PRO A 28 -7.55 -18.97 13.22
N SER A 29 -7.99 -18.04 12.39
CA SER A 29 -9.10 -18.28 11.48
C SER A 29 -8.64 -18.94 10.18
N GLY A 30 -7.37 -18.76 9.85
CA GLY A 30 -6.81 -19.34 8.64
C GLY A 30 -6.98 -18.44 7.43
N LEU A 31 -7.12 -17.15 7.68
CA LEU A 31 -7.33 -16.18 6.61
C LEU A 31 -6.22 -15.14 6.58
N THR A 32 -6.05 -14.50 5.43
CA THR A 32 -5.21 -13.32 5.32
C THR A 32 -6.12 -12.11 5.46
N ASN A 33 -5.53 -10.92 5.50
CA ASN A 33 -6.32 -9.70 5.60
C ASN A 33 -7.17 -9.49 4.34
N THR A 34 -6.56 -9.71 3.18
CA THR A 34 -7.26 -9.54 1.92
C THR A 34 -8.40 -10.55 1.80
N GLN A 35 -8.10 -11.81 2.09
CA GLN A 35 -9.11 -12.86 2.10
C GLN A 35 -10.29 -12.46 2.98
N PHE A 36 -9.96 -11.99 4.18
CA PHE A 36 -10.97 -11.51 5.12
C PHE A 36 -11.75 -10.35 4.50
N SER A 37 -11.05 -9.47 3.79
CA SER A 37 -11.66 -8.28 3.22
C SER A 37 -12.53 -8.59 2.00
N THR A 38 -12.23 -9.67 1.31
CA THR A 38 -13.06 -10.09 0.19
C THR A 38 -14.35 -10.73 0.71
N LEU A 39 -14.21 -11.61 1.69
CA LEU A 39 -15.36 -12.20 2.35
C LEU A 39 -16.26 -11.10 2.90
N ALA A 40 -15.66 -10.20 3.66
CA ALA A 40 -16.39 -9.10 4.29
C ALA A 40 -17.19 -8.30 3.26
N VAL A 41 -16.57 -8.02 2.13
CA VAL A 41 -17.22 -7.25 1.08
C VAL A 41 -18.38 -8.00 0.46
N ILE A 42 -18.14 -9.25 0.08
CA ILE A 42 -19.17 -10.07 -0.56
C ILE A 42 -20.40 -10.26 0.34
N SER A 43 -20.18 -10.28 1.66
CA SER A 43 -21.30 -10.40 2.58
C SER A 43 -22.16 -9.15 2.53
N LEU A 44 -21.54 -8.02 2.18
CA LEU A 44 -22.25 -6.76 2.06
C LEU A 44 -22.95 -6.65 0.71
N THR A 54 -19.03 -6.93 -11.09
CA THR A 54 -17.82 -7.22 -11.86
C THR A 54 -16.60 -7.34 -10.97
N MET A 55 -15.44 -7.61 -11.57
CA MET A 55 -14.22 -7.84 -10.82
C MET A 55 -13.52 -6.55 -10.44
N SER A 56 -13.08 -5.78 -11.44
CA SER A 56 -12.47 -4.49 -11.20
C SER A 56 -13.32 -3.70 -10.19
N GLU A 57 -14.62 -3.90 -10.27
CA GLU A 57 -15.55 -3.33 -9.29
C GLU A 57 -15.18 -3.80 -7.89
N LEU A 58 -15.04 -5.11 -7.72
CA LEU A 58 -14.72 -5.71 -6.43
C LEU A 58 -13.31 -5.35 -5.99
N ALA A 59 -12.35 -5.63 -6.87
CA ALA A 59 -10.94 -5.36 -6.57
C ALA A 59 -10.76 -3.93 -6.08
N ALA A 60 -11.35 -2.98 -6.78
CA ALA A 60 -11.25 -1.57 -6.42
C ALA A 60 -11.79 -1.31 -5.02
N ARG A 61 -12.88 -1.99 -4.66
CA ARG A 61 -13.52 -1.77 -3.38
C ARG A 61 -12.72 -2.32 -2.19
N ILE A 62 -12.13 -3.50 -2.36
CA ILE A 62 -11.30 -4.07 -1.29
C ILE A 62 -9.90 -3.46 -1.31
N GLY A 63 -9.55 -2.83 -2.42
CA GLY A 63 -8.27 -2.14 -2.54
C GLY A 63 -7.11 -3.03 -2.97
N VAL A 64 -7.34 -3.85 -3.99
CA VAL A 64 -6.28 -4.67 -4.56
C VAL A 64 -6.40 -4.73 -6.09
N GLU A 65 -5.33 -5.16 -6.75
CA GLU A 65 -5.35 -5.26 -8.21
C GLU A 65 -6.16 -6.46 -8.70
N ARG A 66 -6.60 -6.41 -9.94
CA ARG A 66 -7.43 -7.47 -10.51
C ARG A 66 -6.74 -8.83 -10.42
N THR A 67 -5.52 -8.91 -10.91
CA THR A 67 -4.76 -10.16 -10.86
C THR A 67 -4.74 -10.70 -9.43
N THR A 68 -4.47 -9.83 -8.47
CA THR A 68 -4.42 -10.20 -7.06
C THR A 68 -5.76 -10.76 -6.62
N LEU A 69 -6.81 -9.97 -6.81
CA LEU A 69 -8.16 -10.38 -6.45
C LEU A 69 -8.54 -11.73 -7.04
N THR A 70 -8.28 -11.91 -8.33
CA THR A 70 -8.69 -13.12 -9.03
C THR A 70 -7.98 -14.36 -8.51
N ARG A 71 -6.67 -14.29 -8.31
CA ARG A 71 -5.93 -15.43 -7.78
C ARG A 71 -6.41 -15.74 -6.36
N ASN A 72 -6.65 -14.69 -5.59
CA ASN A 72 -7.19 -14.84 -4.23
C ASN A 72 -8.57 -15.47 -4.29
N LEU A 73 -9.40 -14.97 -5.20
CA LEU A 73 -10.73 -15.52 -5.37
C LEU A 73 -10.63 -16.99 -5.75
N GLU A 74 -9.59 -17.33 -6.51
CA GLU A 74 -9.36 -18.70 -6.93
C GLU A 74 -9.11 -19.61 -5.73
N VAL A 75 -8.11 -19.27 -4.93
CA VAL A 75 -7.81 -20.07 -3.74
C VAL A 75 -9.02 -20.18 -2.82
N MET A 76 -9.73 -19.07 -2.64
CA MET A 76 -10.87 -19.04 -1.73
C MET A 76 -12.01 -19.94 -2.20
N ARG A 77 -12.32 -19.90 -3.49
CA ARG A 77 -13.35 -20.80 -4.02
C ARG A 77 -12.83 -22.23 -3.98
N ARG A 78 -11.50 -22.37 -4.01
CA ARG A 78 -10.88 -23.67 -3.93
C ARG A 78 -10.98 -24.22 -2.50
N ASP A 79 -11.01 -23.29 -1.54
CA ASP A 79 -11.13 -23.67 -0.14
C ASP A 79 -12.61 -23.82 0.26
N GLY A 80 -13.49 -23.58 -0.70
CA GLY A 80 -14.92 -23.75 -0.48
C GLY A 80 -15.58 -22.57 0.20
N LEU A 81 -14.87 -21.44 0.26
CA LEU A 81 -15.37 -20.25 0.94
C LEU A 81 -16.35 -19.47 0.06
N VAL A 82 -16.12 -19.51 -1.25
CA VAL A 82 -16.97 -18.79 -2.20
C VAL A 82 -17.35 -19.68 -3.39
N ARG A 83 -18.41 -19.30 -4.09
CA ARG A 83 -18.94 -20.11 -5.18
C ARG A 83 -18.82 -19.40 -6.52
N ILE A 95 -20.93 -14.34 -7.42
CA ILE A 95 -20.22 -14.86 -6.26
C ILE A 95 -21.13 -15.00 -5.04
N GLU A 96 -21.12 -16.20 -4.45
CA GLU A 96 -21.81 -16.47 -3.18
C GLU A 96 -20.84 -16.93 -2.12
N LEU A 97 -20.95 -16.32 -0.94
CA LEU A 97 -20.33 -16.90 0.22
C LEU A 97 -20.98 -18.26 0.40
N THR A 98 -20.23 -19.22 0.90
CA THR A 98 -20.82 -20.50 1.23
C THR A 98 -21.03 -20.51 2.74
N ALA A 99 -21.66 -21.56 3.25
CA ALA A 99 -21.77 -21.69 4.69
C ALA A 99 -20.39 -21.54 5.32
N LYS A 100 -19.42 -22.22 4.72
CA LYS A 100 -18.04 -22.20 5.21
C LYS A 100 -17.46 -20.80 5.10
N GLY A 101 -17.79 -20.11 4.00
CA GLY A 101 -17.34 -18.75 3.79
C GLY A 101 -17.81 -17.86 4.91
N ARG A 102 -19.11 -17.90 5.20
N ARG A 102 -19.11 -17.90 5.21
CA ARG A 102 -19.69 -17.11 6.28
CA ARG A 102 -19.67 -17.09 6.29
C ARG A 102 -19.09 -17.47 7.62
C ARG A 102 -19.07 -17.48 7.63
N ALA A 103 -18.90 -18.77 7.85
CA ALA A 103 -18.31 -19.25 9.10
C ALA A 103 -16.90 -18.70 9.25
N ALA A 104 -16.08 -18.88 8.23
CA ALA A 104 -14.71 -18.39 8.23
C ALA A 104 -14.69 -16.89 8.53
N LEU A 105 -15.65 -16.17 7.97
CA LEU A 105 -15.78 -14.74 8.21
C LEU A 105 -16.11 -14.46 9.67
N GLN A 106 -17.14 -15.14 10.18
CA GLN A 106 -17.59 -14.94 11.55
C GLN A 106 -16.49 -15.23 12.57
N LYS A 107 -15.66 -16.22 12.29
CA LYS A 107 -14.59 -16.59 13.20
C LYS A 107 -13.52 -15.50 13.26
N ALA A 108 -13.32 -14.85 12.13
CA ALA A 108 -12.29 -13.82 12.00
C ALA A 108 -12.70 -12.51 12.69
N VAL A 109 -14.00 -12.29 12.78
CA VAL A 109 -14.53 -11.03 13.29
C VAL A 109 -13.92 -10.61 14.63
N PRO A 110 -14.10 -11.43 15.68
CA PRO A 110 -13.56 -11.03 16.98
C PRO A 110 -12.05 -10.78 16.93
N LEU A 111 -11.36 -11.53 16.08
CA LEU A 111 -9.92 -11.35 15.90
C LEU A 111 -9.62 -9.98 15.31
N TRP A 112 -10.27 -9.68 14.19
CA TRP A 112 -10.14 -8.36 13.57
C TRP A 112 -10.48 -7.26 14.55
N ARG A 113 -11.44 -7.54 15.43
CA ARG A 113 -11.89 -6.57 16.40
C ARG A 113 -10.82 -6.30 17.45
N GLY A 114 -10.19 -7.36 17.94
CA GLY A 114 -9.14 -7.24 18.93
C GLY A 114 -7.93 -6.48 18.41
N VAL A 115 -7.60 -6.67 17.15
CA VAL A 115 -6.48 -5.97 16.54
C VAL A 115 -6.89 -4.56 16.13
N GLN A 116 -8.11 -4.42 15.63
CA GLN A 116 -8.64 -3.13 15.25
C GLN A 116 -8.60 -2.18 16.44
N ALA A 117 -8.88 -2.74 17.61
CA ALA A 117 -8.87 -1.97 18.85
C ALA A 117 -7.43 -1.73 19.31
N GLU A 118 -6.58 -2.72 19.08
CA GLU A 118 -5.19 -2.65 19.54
C GLU A 118 -4.41 -1.60 18.74
N VAL A 119 -4.59 -1.61 17.44
CA VAL A 119 -3.87 -0.70 16.55
C VAL A 119 -4.36 0.74 16.68
N THR A 120 -5.66 0.94 16.58
CA THR A 120 -6.25 2.27 16.56
C THR A 120 -6.10 3.01 17.89
N ALA A 121 -5.60 2.31 18.90
CA ALA A 121 -5.32 2.94 20.20
C ALA A 121 -4.04 3.75 20.12
N SER A 122 -3.35 3.66 18.98
CA SER A 122 -2.10 4.39 18.77
C SER A 122 -2.37 5.83 18.35
N VAL A 123 -3.65 6.18 18.18
CA VAL A 123 -4.03 7.52 17.76
C VAL A 123 -5.07 8.14 18.68
N GLY A 124 -5.11 9.48 18.70
CA GLY A 124 -6.03 10.20 19.57
C GLY A 124 -7.48 9.92 19.25
N ASP A 125 -7.90 10.32 18.06
CA ASP A 125 -9.26 10.05 17.60
C ASP A 125 -9.20 9.27 16.30
N TRP A 126 -9.39 7.95 16.41
CA TRP A 126 -9.33 7.09 15.23
C TRP A 126 -10.29 7.52 14.12
N PRO A 127 -11.56 7.77 14.46
CA PRO A 127 -12.52 8.20 13.44
C PRO A 127 -12.01 9.39 12.64
N ARG A 128 -11.32 10.32 13.31
CA ARG A 128 -10.79 11.50 12.66
C ARG A 128 -9.65 11.16 11.70
N VAL A 129 -8.62 10.48 12.22
CA VAL A 129 -7.50 10.07 11.38
C VAL A 129 -7.96 9.16 10.25
N ARG A 130 -8.98 8.34 10.53
CA ARG A 130 -9.55 7.49 9.50
C ARG A 130 -10.12 8.36 8.39
N ARG A 131 -10.93 9.34 8.78
CA ARG A 131 -11.48 10.30 7.85
C ARG A 131 -10.37 10.92 7.00
N ASP A 132 -9.32 11.42 7.67
CA ASP A 132 -8.20 12.03 6.96
C ASP A 132 -7.61 11.09 5.91
N ILE A 133 -7.39 9.84 6.30
CA ILE A 133 -6.84 8.84 5.37
C ILE A 133 -7.79 8.62 4.19
N ALA A 134 -9.07 8.45 4.49
CA ALA A 134 -10.08 8.25 3.45
C ALA A 134 -10.15 9.48 2.55
N ASN A 135 -10.09 10.66 3.16
CA ASN A 135 -10.06 11.91 2.41
C ASN A 135 -8.83 11.95 1.50
N LEU A 136 -7.73 11.41 2.01
CA LEU A 136 -6.48 11.37 1.24
C LEU A 136 -6.68 10.55 -0.02
N GLY A 137 -7.06 9.29 0.14
CA GLY A 137 -7.33 8.42 -0.99
C GLY A 137 -8.45 8.99 -1.85
N GLN A 138 -9.42 9.61 -1.19
CA GLN A 138 -10.53 10.24 -1.88
C GLN A 138 -10.05 11.40 -2.74
N ALA A 139 -9.13 12.20 -2.19
CA ALA A 139 -8.53 13.30 -2.92
C ALA A 139 -7.86 12.76 -4.17
N ALA A 140 -7.13 11.67 -4.01
CA ALA A 140 -6.43 11.04 -5.13
C ALA A 140 -7.42 10.62 -6.20
N GLU A 141 -8.44 9.86 -5.79
CA GLU A 141 -9.47 9.38 -6.70
C GLU A 141 -10.00 10.50 -7.60
N ALA A 142 -10.34 11.63 -6.98
CA ALA A 142 -10.85 12.78 -7.73
C ALA A 142 -9.91 13.15 -8.87
N CYS A 143 -8.61 12.98 -8.64
CA CYS A 143 -7.62 13.27 -9.67
C CYS A 143 -7.52 12.13 -10.68
N ALA B 2 -19.52 -3.56 11.12
CA ALA B 2 -19.07 -2.37 10.39
C ALA B 2 -17.58 -2.49 10.02
N PHE B 3 -17.31 -2.90 8.78
CA PHE B 3 -15.95 -3.17 8.33
C PHE B 3 -15.37 -2.00 7.56
N ASP B 4 -16.18 -0.96 7.41
CA ASP B 4 -15.79 0.24 6.66
C ASP B 4 -14.65 0.98 7.36
N GLU B 5 -14.58 0.82 8.68
CA GLU B 5 -13.61 1.56 9.47
C GLU B 5 -12.31 0.80 9.75
N CYS B 6 -12.20 -0.44 9.30
CA CYS B 6 -10.98 -1.20 9.50
C CYS B 6 -9.75 -0.39 9.09
N ALA B 7 -8.82 -0.19 10.03
CA ALA B 7 -7.60 0.57 9.74
C ALA B 7 -6.88 0.02 8.52
N CYS B 8 -6.61 -1.29 8.54
CA CYS B 8 -5.94 -1.96 7.43
C CYS B 8 -6.68 -1.72 6.12
N TYR B 9 -7.99 -1.94 6.14
CA TYR B 9 -8.81 -1.78 4.95
C TYR B 9 -8.72 -0.39 4.35
N THR B 10 -9.07 0.61 5.15
CA THR B 10 -9.10 2.00 4.67
C THR B 10 -7.73 2.46 4.18
N THR B 11 -6.70 2.18 4.97
CA THR B 11 -5.35 2.59 4.61
C THR B 11 -4.93 1.92 3.31
N ARG B 12 -5.23 0.63 3.19
CA ARG B 12 -4.92 -0.14 1.99
C ARG B 12 -5.64 0.46 0.79
N ARG B 13 -6.95 0.64 0.92
CA ARG B 13 -7.77 1.23 -0.12
C ARG B 13 -7.25 2.61 -0.53
N ALA B 14 -6.93 3.43 0.46
CA ALA B 14 -6.38 4.76 0.23
C ALA B 14 -5.07 4.68 -0.55
N ALA B 15 -4.08 4.00 0.03
CA ALA B 15 -2.76 3.90 -0.57
C ALA B 15 -2.84 3.51 -2.05
N ARG B 16 -3.73 2.57 -2.36
CA ARG B 16 -3.92 2.12 -3.73
C ARG B 16 -4.42 3.25 -4.62
N GLN B 17 -5.46 3.93 -4.18
CA GLN B 17 -5.98 5.09 -4.92
C GLN B 17 -4.88 6.12 -5.13
N LEU B 18 -4.03 6.29 -4.12
CA LEU B 18 -2.89 7.20 -4.21
C LEU B 18 -1.90 6.72 -5.28
N GLY B 19 -1.61 5.43 -5.27
CA GLY B 19 -0.74 4.84 -6.26
C GLY B 19 -1.23 5.12 -7.67
N GLN B 20 -2.54 5.00 -7.86
CA GLN B 20 -3.16 5.26 -9.16
C GLN B 20 -2.99 6.72 -9.60
N ALA B 21 -3.34 7.65 -8.72
CA ALA B 21 -3.24 9.06 -9.04
C ALA B 21 -1.79 9.48 -9.27
N TYR B 22 -0.89 8.95 -8.43
CA TYR B 22 0.53 9.25 -8.57
C TYR B 22 1.11 8.67 -9.87
N ASP B 23 0.64 7.49 -10.24
CA ASP B 23 1.00 6.90 -11.53
C ASP B 23 0.53 7.78 -12.67
N ARG B 24 -0.73 8.17 -12.62
CA ARG B 24 -1.31 9.03 -13.65
C ARG B 24 -0.52 10.32 -13.80
N ALA B 25 -0.21 10.97 -12.67
CA ALA B 25 0.51 12.24 -12.68
C ALA B 25 1.93 12.07 -13.23
N LEU B 26 2.54 10.92 -12.96
CA LEU B 26 3.93 10.66 -13.35
C LEU B 26 4.05 10.12 -14.78
N ARG B 27 2.92 9.91 -15.43
CA ARG B 27 2.90 9.39 -16.80
C ARG B 27 3.97 10.01 -17.69
N PRO B 28 4.01 11.35 -17.77
CA PRO B 28 4.97 12.04 -18.66
C PRO B 28 6.42 11.66 -18.40
N SER B 29 6.80 11.47 -17.15
CA SER B 29 8.20 11.15 -16.82
C SER B 29 8.52 9.69 -17.09
N GLY B 30 7.49 8.92 -17.45
CA GLY B 30 7.67 7.50 -17.74
C GLY B 30 8.01 6.68 -16.50
N LEU B 31 7.54 7.14 -15.34
CA LEU B 31 7.82 6.46 -14.08
C LEU B 31 6.55 6.06 -13.35
N THR B 32 6.59 4.90 -12.69
CA THR B 32 5.52 4.51 -11.78
C THR B 32 5.87 5.04 -10.40
N ASN B 33 4.86 5.18 -9.53
CA ASN B 33 5.10 5.73 -8.19
C ASN B 33 6.18 4.97 -7.44
N THR B 34 6.16 3.64 -7.54
CA THR B 34 7.17 2.81 -6.90
C THR B 34 8.55 3.04 -7.53
N GLN B 35 8.58 3.09 -8.86
CA GLN B 35 9.84 3.37 -9.57
C GLN B 35 10.39 4.73 -9.15
N PHE B 36 9.57 5.76 -9.32
CA PHE B 36 9.93 7.10 -8.87
C PHE B 36 10.49 7.04 -7.44
N SER B 37 9.78 6.33 -6.57
CA SER B 37 10.19 6.19 -5.18
C SER B 37 11.61 5.64 -5.07
N THR B 38 11.85 4.49 -5.66
CA THR B 38 13.16 3.84 -5.58
C THR B 38 14.25 4.78 -6.10
N LEU B 39 13.98 5.43 -7.22
CA LEU B 39 14.92 6.40 -7.77
C LEU B 39 15.26 7.45 -6.73
N ALA B 40 14.22 8.13 -6.24
CA ALA B 40 14.39 9.16 -5.23
C ALA B 40 15.26 8.65 -4.09
N VAL B 41 14.95 7.45 -3.61
CA VAL B 41 15.72 6.83 -2.54
C VAL B 41 17.19 6.73 -2.90
N ILE B 42 17.46 6.25 -4.11
CA ILE B 42 18.82 6.08 -4.60
C ILE B 42 19.53 7.43 -4.73
N SER B 43 18.86 8.40 -5.33
CA SER B 43 19.41 9.74 -5.47
C SER B 43 19.73 10.34 -4.11
N LEU B 44 18.98 9.92 -3.10
CA LEU B 44 19.18 10.40 -1.73
C LEU B 44 20.39 9.77 -1.07
N SER B 45 20.55 8.46 -1.26
CA SER B 45 21.50 7.68 -0.48
C SER B 45 22.87 7.51 -1.13
N GLU B 46 23.00 7.88 -2.41
CA GLU B 46 24.26 7.69 -3.13
C GLU B 46 25.43 8.40 -2.47
N GLY B 50 27.74 4.71 -6.56
CA GLY B 50 26.42 4.44 -6.02
C GLY B 50 26.48 3.94 -4.59
N ILE B 51 25.66 2.95 -4.28
CA ILE B 51 25.61 2.39 -2.92
C ILE B 51 25.31 0.90 -2.92
N ASP B 52 25.77 0.23 -1.87
CA ASP B 52 25.49 -1.19 -1.68
C ASP B 52 24.29 -1.36 -0.75
N LEU B 53 23.27 -2.07 -1.21
CA LEU B 53 22.07 -2.28 -0.42
C LEU B 53 21.47 -3.66 -0.65
N THR B 54 20.92 -4.23 0.41
CA THR B 54 20.17 -5.47 0.30
C THR B 54 18.84 -5.16 -0.37
N MET B 55 18.30 -6.13 -1.10
CA MET B 55 17.01 -5.95 -1.76
C MET B 55 15.90 -5.76 -0.73
N SER B 56 16.00 -6.47 0.39
CA SER B 56 15.03 -6.34 1.46
C SER B 56 15.20 -4.99 2.16
N GLU B 57 16.44 -4.56 2.33
CA GLU B 57 16.75 -3.28 2.94
C GLU B 57 16.18 -2.14 2.11
N LEU B 58 16.16 -2.33 0.80
CA LEU B 58 15.62 -1.35 -0.13
C LEU B 58 14.09 -1.46 -0.22
N ALA B 59 13.61 -2.67 -0.45
CA ALA B 59 12.17 -2.92 -0.57
C ALA B 59 11.42 -2.36 0.63
N ALA B 60 11.98 -2.54 1.82
CA ALA B 60 11.38 -2.04 3.04
C ALA B 60 11.31 -0.51 3.05
N ARG B 61 12.40 0.13 2.60
CA ARG B 61 12.46 1.59 2.58
C ARG B 61 11.37 2.20 1.69
N ILE B 62 11.08 1.56 0.56
CA ILE B 62 10.05 2.05 -0.34
C ILE B 62 8.67 1.53 0.08
N GLY B 63 8.65 0.54 0.97
CA GLY B 63 7.42 -0.01 1.50
C GLY B 63 6.78 -1.04 0.60
N VAL B 64 7.62 -1.79 -0.11
CA VAL B 64 7.13 -2.84 -1.01
C VAL B 64 7.78 -4.18 -0.66
N GLU B 65 7.38 -5.23 -1.39
CA GLU B 65 7.96 -6.55 -1.21
C GLU B 65 9.22 -6.72 -2.06
N ARG B 66 10.11 -7.60 -1.63
CA ARG B 66 11.34 -7.85 -2.37
C ARG B 66 11.05 -8.22 -3.83
N THR B 67 10.16 -9.17 -4.04
CA THR B 67 9.82 -9.62 -5.38
C THR B 67 9.39 -8.45 -6.25
N THR B 68 8.48 -7.63 -5.73
CA THR B 68 7.98 -6.47 -6.44
C THR B 68 9.13 -5.51 -6.76
N LEU B 69 9.90 -5.18 -5.72
CA LEU B 69 11.04 -4.29 -5.87
C LEU B 69 11.99 -4.80 -6.96
N THR B 70 12.48 -6.02 -6.77
CA THR B 70 13.42 -6.62 -7.70
C THR B 70 12.90 -6.59 -9.13
N ARG B 71 11.66 -7.02 -9.33
CA ARG B 71 11.05 -7.01 -10.66
C ARG B 71 11.07 -5.60 -11.25
N ASN B 72 10.73 -4.62 -10.41
CA ASN B 72 10.74 -3.23 -10.85
C ASN B 72 12.15 -2.73 -11.10
N LEU B 73 13.07 -3.08 -10.21
CA LEU B 73 14.46 -2.71 -10.38
C LEU B 73 14.97 -3.24 -11.71
N GLU B 74 14.49 -4.42 -12.09
CA GLU B 74 14.88 -5.03 -13.36
C GLU B 74 14.41 -4.21 -14.55
N VAL B 75 13.11 -3.93 -14.59
CA VAL B 75 12.55 -3.13 -15.68
C VAL B 75 13.23 -1.76 -15.73
N MET B 76 13.68 -1.29 -14.57
CA MET B 76 14.34 0.01 -14.48
C MET B 76 15.75 -0.02 -15.04
N ARG B 77 16.54 -1.00 -14.62
CA ARG B 77 17.90 -1.15 -15.15
C ARG B 77 17.84 -1.53 -16.61
N ARG B 78 16.78 -2.25 -16.98
CA ARG B 78 16.57 -2.65 -18.37
C ARG B 78 16.29 -1.43 -19.22
N ASP B 79 15.83 -0.36 -18.58
CA ASP B 79 15.49 0.87 -19.29
C ASP B 79 16.60 1.92 -19.14
N GLY B 80 17.70 1.52 -18.52
CA GLY B 80 18.86 2.38 -18.38
C GLY B 80 18.65 3.53 -17.42
N LEU B 81 17.76 3.36 -16.45
CA LEU B 81 17.54 4.37 -15.43
C LEU B 81 18.50 4.13 -14.28
N VAL B 82 18.77 2.85 -14.00
CA VAL B 82 19.68 2.47 -12.93
C VAL B 82 20.69 1.46 -13.43
N ARG B 83 21.87 1.46 -12.81
CA ARG B 83 22.92 0.52 -13.16
C ARG B 83 23.20 -0.36 -11.94
N VAL B 84 22.94 -1.66 -12.08
CA VAL B 84 23.05 -2.58 -10.96
C VAL B 84 24.10 -3.66 -11.17
N MET B 85 25.18 -3.58 -10.40
CA MET B 85 26.23 -4.58 -10.39
C MET B 85 26.30 -5.21 -9.01
N ALA B 86 27.18 -6.17 -8.83
CA ALA B 86 27.36 -6.81 -7.53
C ALA B 86 28.10 -5.87 -6.58
N GLY B 87 27.94 -6.10 -5.28
CA GLY B 87 28.58 -5.25 -4.28
C GLY B 87 30.01 -5.65 -4.00
N CYS B 92 24.23 -8.68 -1.01
CA CYS B 92 24.27 -7.23 -1.21
C CYS B 92 24.36 -6.90 -2.70
N LYS B 93 24.05 -5.65 -3.05
CA LYS B 93 24.09 -5.21 -4.45
C LYS B 93 24.41 -3.73 -4.62
N ARG B 94 25.20 -3.44 -5.66
CA ARG B 94 25.57 -2.08 -5.98
C ARG B 94 24.62 -1.46 -6.99
N ILE B 95 23.88 -0.45 -6.57
CA ILE B 95 22.94 0.24 -7.46
C ILE B 95 23.35 1.69 -7.68
N GLU B 96 23.34 2.12 -8.94
CA GLU B 96 23.73 3.48 -9.29
C GLU B 96 22.71 4.15 -10.20
N LEU B 97 22.61 5.47 -10.09
CA LEU B 97 21.76 6.25 -10.98
C LEU B 97 22.49 6.54 -12.28
N THR B 98 21.83 6.27 -13.40
CA THR B 98 22.35 6.66 -14.69
C THR B 98 21.89 8.07 -15.01
N ALA B 99 22.62 8.75 -15.89
CA ALA B 99 22.26 10.10 -16.31
C ALA B 99 20.80 10.16 -16.73
N LYS B 100 20.34 9.12 -17.42
CA LYS B 100 18.96 9.03 -17.85
C LYS B 100 18.02 8.93 -16.66
N GLY B 101 18.43 8.16 -15.66
CA GLY B 101 17.67 8.05 -14.42
C GLY B 101 17.51 9.40 -13.76
N ARG B 102 18.63 10.12 -13.63
CA ARG B 102 18.61 11.46 -13.06
C ARG B 102 17.66 12.36 -13.82
N ALA B 103 17.66 12.23 -15.14
CA ALA B 103 16.77 13.00 -15.99
C ALA B 103 15.31 12.71 -15.67
N ALA B 104 14.93 11.44 -15.74
CA ALA B 104 13.56 11.03 -15.46
C ALA B 104 13.10 11.50 -14.08
N LEU B 105 13.97 11.33 -13.09
CA LEU B 105 13.66 11.77 -11.73
C LEU B 105 13.43 13.28 -11.72
N GLN B 106 14.38 14.03 -12.28
CA GLN B 106 14.28 15.47 -12.34
C GLN B 106 12.96 15.90 -12.99
N LYS B 107 12.58 15.19 -14.05
CA LYS B 107 11.35 15.49 -14.78
C LYS B 107 10.12 15.10 -13.97
N ALA B 108 10.23 14.02 -13.20
CA ALA B 108 9.12 13.50 -12.43
C ALA B 108 8.80 14.35 -11.20
N VAL B 109 9.84 14.92 -10.59
CA VAL B 109 9.68 15.68 -9.36
C VAL B 109 8.52 16.69 -9.40
N PRO B 110 8.54 17.62 -10.36
CA PRO B 110 7.46 18.61 -10.45
C PRO B 110 6.09 17.95 -10.58
N LEU B 111 6.03 16.85 -11.31
CA LEU B 111 4.77 16.11 -11.48
C LEU B 111 4.31 15.51 -10.16
N TRP B 112 5.24 14.93 -9.43
CA TRP B 112 4.95 14.37 -8.11
C TRP B 112 4.59 15.46 -7.12
N ARG B 113 5.24 16.62 -7.29
CA ARG B 113 5.03 17.75 -6.40
C ARG B 113 3.63 18.34 -6.57
N GLY B 114 3.12 18.29 -7.79
CA GLY B 114 1.79 18.79 -8.09
C GLY B 114 0.69 17.93 -7.49
N VAL B 115 0.82 16.62 -7.67
CA VAL B 115 -0.18 15.68 -7.15
C VAL B 115 -0.13 15.64 -5.62
N GLN B 116 1.06 15.74 -5.06
CA GLN B 116 1.25 15.77 -3.61
C GLN B 116 0.48 16.95 -3.01
N ALA B 117 0.64 18.12 -3.63
CA ALA B 117 -0.03 19.33 -3.16
C ALA B 117 -1.54 19.21 -3.28
N GLU B 118 -2.01 18.64 -4.39
CA GLU B 118 -3.43 18.53 -4.66
C GLU B 118 -4.10 17.52 -3.74
N VAL B 119 -3.36 16.49 -3.36
CA VAL B 119 -3.89 15.42 -2.51
C VAL B 119 -3.87 15.79 -1.03
N THR B 120 -2.78 16.41 -0.58
CA THR B 120 -2.62 16.77 0.82
C THR B 120 -3.36 18.05 1.17
N ALA B 121 -4.10 18.59 0.20
CA ALA B 121 -4.93 19.77 0.45
C ALA B 121 -6.28 19.33 0.98
N SER B 122 -6.49 18.01 1.01
CA SER B 122 -7.72 17.43 1.51
C SER B 122 -7.68 17.26 3.03
N VAL B 123 -6.56 17.63 3.63
CA VAL B 123 -6.39 17.52 5.08
C VAL B 123 -5.93 18.85 5.68
N GLY B 124 -6.38 19.14 6.89
CA GLY B 124 -6.07 20.39 7.55
C GLY B 124 -4.57 20.61 7.65
N ASP B 125 -3.89 19.66 8.26
CA ASP B 125 -2.44 19.72 8.40
C ASP B 125 -1.83 18.41 7.94
N TRP B 126 -1.14 18.44 6.80
CA TRP B 126 -0.51 17.23 6.25
C TRP B 126 0.57 16.65 7.15
N PRO B 127 1.50 17.49 7.64
CA PRO B 127 2.53 16.98 8.54
C PRO B 127 1.91 16.20 9.69
N ARG B 128 0.87 16.77 10.29
CA ARG B 128 0.15 16.13 11.38
C ARG B 128 -0.36 14.76 10.96
N VAL B 129 -1.15 14.74 9.88
CA VAL B 129 -1.76 13.51 9.39
C VAL B 129 -0.72 12.49 8.95
N ARG B 130 0.32 12.95 8.27
CA ARG B 130 1.39 12.08 7.82
C ARG B 130 1.97 11.34 9.01
N ARG B 131 2.41 12.10 10.00
CA ARG B 131 3.02 11.54 11.20
C ARG B 131 2.07 10.54 11.87
N ASP B 132 0.79 10.88 11.93
CA ASP B 132 -0.22 9.97 12.48
C ASP B 132 -0.21 8.64 11.73
N ILE B 133 -0.38 8.71 10.41
CA ILE B 133 -0.41 7.52 9.57
C ILE B 133 0.85 6.68 9.77
N ALA B 134 2.01 7.33 9.71
CA ALA B 134 3.27 6.66 9.93
C ALA B 134 3.32 6.04 11.33
N ASN B 135 2.92 6.82 12.33
CA ASN B 135 2.84 6.30 13.68
C ASN B 135 1.88 5.12 13.77
N LEU B 136 0.85 5.15 12.94
CA LEU B 136 -0.12 4.06 12.88
C LEU B 136 0.55 2.82 12.30
N GLY B 137 1.37 3.02 11.27
CA GLY B 137 2.09 1.94 10.64
C GLY B 137 3.11 1.31 11.58
N GLN B 138 3.92 2.14 12.21
CA GLN B 138 4.92 1.65 13.17
C GLN B 138 4.22 0.96 14.34
N ALA B 139 3.06 1.49 14.72
CA ALA B 139 2.24 0.86 15.75
C ALA B 139 1.87 -0.56 15.33
N ALA B 140 1.37 -0.68 14.09
CA ALA B 140 1.04 -1.98 13.53
C ALA B 140 2.26 -2.88 13.52
N GLU B 141 3.38 -2.34 13.04
CA GLU B 141 4.64 -3.07 12.99
C GLU B 141 4.95 -3.69 14.34
N ALA B 142 5.01 -2.86 15.38
CA ALA B 142 5.37 -3.30 16.72
C ALA B 142 4.35 -4.26 17.32
N CYS B 143 3.23 -4.43 16.64
CA CYS B 143 2.17 -5.31 17.13
C CYS B 143 2.51 -6.78 16.88
#